data_6P8G
#
_entry.id   6P8G
#
_cell.length_a   62.580
_cell.length_b   66.730
_cell.length_c   184.850
_cell.angle_alpha   90.00
_cell.angle_beta   90.00
_cell.angle_gamma   90.00
#
_symmetry.space_group_name_H-M   'P 21 2 21'
#
loop_
_entity.id
_entity.type
_entity.pdbx_description
1 polymer 'G1/S-specific cyclin-D1'
2 polymer 'Cyclin-dependent kinase 4'
3 polymer 'Cyclin-dependent kinase inhibitor 1B'
#
loop_
_entity_poly.entity_id
_entity_poly.type
_entity_poly.pdbx_seq_one_letter_code
_entity_poly.pdbx_strand_id
1 'polypeptide(L)'
;DANLLNDRVLRAMLKAEETCAPSVSYFKCVQKEVLPSMRKIVATWMLEVCEEQKCEEEVFPLAMNYLDRFLSLEPVKKSR
LQLLGATCMFVASKMKETIPLTAEKLCIYTDNSIRPEELLQMELLLVNKLKWNLAAMTPHDFIEHFLSKMPEAEENKQII
RKHAQTFVALCATDVKFISNPPSMVAAGSVVAAVQGLNLRSPNNFLSYYRLTRFLSRVIKCDPDCLRACQEQIEALLESS
LRQAQQNMD
;
A
2 'polypeptide(L)'
;GEFATSRYEPVAEIGVGAYGTVYKARDPHSGHFVALKSVRVPNGEEGLPISTVREVALLRRLEAFEHPNVVRLMDVCATS
RTDREIKVTLVFEHVDQDLRTYLDKAPPPGLPAETIKDLMRQFLRGLDFLHANCIVHRDLKPENILVTSGGTVKLADFGL
ARIYSYQMALTPVVVTLWYRAPEVLLQSTYATPVDMWSVGCIFAEMFRRKPLFCGNSEADQLGKIFDLIGLPPEDDWPRD
VSLPRGAFPPRGPRPVQSVVPEMEESGAQLLLEMLTFNPHKRISAFRALQHSYLHKDEGNPE
;
B
3 'polypeptide(L)' GEFKPSACRNLFGPVDHEELTRDLEKHCRDMEEASQRKWNFDFQNHKPLEGKEEWQEVEKGSLPEFEERPPR C
#
# COMPACT_ATOMS: atom_id res chain seq x y z
N ALA A 2 6.78 -9.19 -22.43
CA ALA A 2 7.22 -9.11 -21.05
C ALA A 2 6.69 -7.87 -20.36
N ASN A 3 6.64 -7.88 -19.03
CA ASN A 3 6.21 -6.71 -18.29
C ASN A 3 7.26 -5.61 -18.29
N LEU A 4 8.53 -5.95 -18.55
CA LEU A 4 9.55 -4.93 -18.69
C LEU A 4 9.37 -4.10 -19.95
N LEU A 5 8.67 -4.64 -20.95
CA LEU A 5 8.39 -3.88 -22.17
C LEU A 5 7.17 -2.98 -22.00
N ASN A 6 6.19 -3.42 -21.21
CA ASN A 6 4.97 -2.66 -20.97
C ASN A 6 5.02 -1.79 -19.73
N ASP A 7 5.62 -2.28 -18.65
CA ASP A 7 5.75 -1.57 -17.38
C ASP A 7 4.38 -1.21 -16.81
N ARG A 8 3.68 -2.25 -16.36
CA ARG A 8 2.42 -2.07 -15.66
C ARG A 8 2.62 -1.46 -14.27
N VAL A 9 3.81 -1.64 -13.68
CA VAL A 9 4.08 -1.06 -12.37
C VAL A 9 4.15 0.46 -12.46
N LEU A 10 4.85 0.98 -13.47
CA LEU A 10 5.04 2.42 -13.58
C LEU A 10 3.72 3.14 -13.82
N ARG A 11 2.83 2.55 -14.64
CA ARG A 11 1.54 3.19 -14.87
C ARG A 11 0.69 3.19 -13.61
N ALA A 12 0.75 2.12 -12.83
CA ALA A 12 0.03 2.09 -11.57
C ALA A 12 0.54 3.14 -10.61
N MET A 13 1.84 3.48 -10.69
CA MET A 13 2.39 4.50 -9.81
C MET A 13 1.90 5.89 -10.19
N LEU A 14 1.76 6.15 -11.49
CA LEU A 14 1.27 7.46 -11.92
C LEU A 14 -0.22 7.62 -11.63
N LYS A 15 -0.95 6.51 -11.53
CA LYS A 15 -2.36 6.58 -11.15
C LYS A 15 -2.50 6.85 -9.65
N ALA A 16 -1.64 6.23 -8.83
CA ALA A 16 -1.72 6.43 -7.40
C ALA A 16 -1.23 7.82 -6.98
N GLU A 17 -0.42 8.47 -7.80
CA GLU A 17 0.07 9.80 -7.47
C GLU A 17 -1.02 10.87 -7.54
N GLU A 18 -2.14 10.57 -8.19
CA GLU A 18 -3.19 11.54 -8.44
C GLU A 18 -4.20 11.66 -7.30
N THR A 19 -4.03 10.90 -6.22
CA THR A 19 -4.97 10.92 -5.10
C THR A 19 -4.44 11.69 -3.90
N CYS A 20 -3.20 11.42 -3.48
CA CYS A 20 -2.58 12.13 -2.37
C CYS A 20 -1.87 13.39 -2.89
N ALA A 21 -2.67 14.31 -3.42
CA ALA A 21 -2.17 15.51 -4.06
C ALA A 21 -2.67 16.75 -3.33
N PRO A 22 -1.80 17.62 -2.86
CA PRO A 22 -2.24 18.87 -2.23
C PRO A 22 -2.68 19.89 -3.27
N SER A 23 -3.24 20.99 -2.78
CA SER A 23 -3.78 22.03 -3.64
C SER A 23 -2.72 23.08 -3.95
N VAL A 24 -2.90 23.76 -5.09
CA VAL A 24 -1.95 24.77 -5.51
C VAL A 24 -2.16 26.08 -4.73
N SER A 25 -3.39 26.39 -4.36
CA SER A 25 -3.69 27.71 -3.81
C SER A 25 -4.32 27.64 -2.42
N TYR A 26 -3.75 26.83 -1.52
CA TYR A 26 -4.27 26.81 -0.16
C TYR A 26 -3.82 28.02 0.65
N PHE A 27 -2.80 28.74 0.18
CA PHE A 27 -2.39 29.97 0.84
C PHE A 27 -3.41 31.08 0.61
N LYS A 28 -3.97 31.15 -0.59
CA LYS A 28 -4.92 32.19 -0.95
C LYS A 28 -6.34 31.85 -0.54
N CYS A 29 -6.67 30.56 -0.43
CA CYS A 29 -8.06 30.14 -0.26
C CYS A 29 -8.37 29.53 1.09
N VAL A 30 -7.43 28.82 1.71
CA VAL A 30 -7.67 28.08 2.95
C VAL A 30 -7.02 28.78 4.14
N GLN A 31 -5.74 29.12 4.02
CA GLN A 31 -4.95 29.63 5.14
C GLN A 31 -5.13 31.13 5.28
N LYS A 32 -5.34 31.58 6.51
CA LYS A 32 -5.43 32.99 6.84
C LYS A 32 -4.16 33.52 7.50
N GLU A 33 -3.65 32.82 8.51
CA GLU A 33 -2.53 33.30 9.29
C GLU A 33 -1.18 32.95 8.67
N VAL A 34 -1.05 31.76 8.07
CA VAL A 34 0.24 31.33 7.55
C VAL A 34 0.41 31.81 6.12
N LEU A 35 1.65 32.08 5.75
CA LEU A 35 2.04 32.57 4.44
C LEU A 35 3.17 31.71 3.92
N PRO A 36 3.39 31.69 2.59
CA PRO A 36 4.44 30.81 2.03
C PRO A 36 5.82 31.04 2.62
N SER A 37 6.08 32.21 3.21
CA SER A 37 7.35 32.41 3.90
C SER A 37 7.43 31.56 5.17
N MET A 38 6.28 31.34 5.83
CA MET A 38 6.27 30.54 7.05
C MET A 38 6.38 29.05 6.75
N ARG A 39 5.88 28.61 5.59
CA ARG A 39 6.03 27.20 5.22
C ARG A 39 7.48 26.86 4.95
N LYS A 40 8.21 27.76 4.29
CA LYS A 40 9.64 27.55 4.08
C LYS A 40 10.39 27.47 5.40
N ILE A 41 9.96 28.28 6.38
CA ILE A 41 10.64 28.28 7.68
C ILE A 41 10.48 26.94 8.37
N VAL A 42 9.23 26.48 8.50
CA VAL A 42 8.99 25.20 9.18
C VAL A 42 9.60 24.05 8.40
N ALA A 43 9.49 24.09 7.07
CA ALA A 43 10.08 23.04 6.25
C ALA A 43 11.59 22.96 6.43
N THR A 44 12.25 24.12 6.52
CA THR A 44 13.68 24.13 6.78
C THR A 44 14.00 23.48 8.13
N TRP A 45 13.12 23.68 9.12
CA TRP A 45 13.36 23.10 10.44
C TRP A 45 13.22 21.58 10.41
N MET A 46 12.17 21.07 9.75
CA MET A 46 11.96 19.63 9.70
C MET A 46 13.09 18.93 8.95
N LEU A 47 13.64 19.59 7.92
CA LEU A 47 14.75 19.02 7.18
C LEU A 47 15.99 18.89 8.07
N GLU A 48 16.24 19.89 8.92
CA GLU A 48 17.37 19.82 9.84
C GLU A 48 17.15 18.73 10.88
N VAL A 49 15.90 18.53 11.32
CA VAL A 49 15.60 17.48 12.28
C VAL A 49 15.84 16.11 11.65
N CYS A 50 15.35 15.92 10.42
CA CYS A 50 15.53 14.63 9.75
C CYS A 50 17.00 14.37 9.43
N GLU A 51 17.80 15.43 9.24
CA GLU A 51 19.22 15.24 8.98
C GLU A 51 20.00 14.96 10.27
N GLU A 52 19.59 15.58 11.39
CA GLU A 52 20.26 15.30 12.65
C GLU A 52 19.93 13.90 13.15
N GLN A 53 18.69 13.47 13.00
CA GLN A 53 18.26 12.15 13.45
C GLN A 53 18.56 11.05 12.43
N LYS A 54 19.19 11.39 11.31
CA LYS A 54 19.57 10.42 10.28
C LYS A 54 18.37 9.60 9.83
N CYS A 55 17.27 10.29 9.57
CA CYS A 55 16.05 9.63 9.13
C CYS A 55 16.23 9.00 7.76
N GLU A 56 15.32 8.08 7.44
CA GLU A 56 15.29 7.52 6.10
C GLU A 56 14.98 8.63 5.08
N GLU A 57 15.47 8.43 3.85
CA GLU A 57 15.45 9.50 2.86
C GLU A 57 14.04 9.98 2.54
N GLU A 58 13.03 9.13 2.71
CA GLU A 58 11.67 9.48 2.33
C GLU A 58 10.91 10.24 3.41
N VAL A 59 11.45 10.33 4.63
CA VAL A 59 10.64 10.81 5.76
C VAL A 59 10.31 12.29 5.60
N PHE A 60 11.31 13.13 5.31
CA PHE A 60 11.06 14.56 5.22
C PHE A 60 10.15 14.91 4.05
N PRO A 61 10.36 14.43 2.82
CA PRO A 61 9.40 14.76 1.76
C PRO A 61 8.00 14.21 2.01
N LEU A 62 7.89 13.03 2.63
CA LEU A 62 6.57 12.49 2.95
C LEU A 62 5.86 13.35 3.99
N ALA A 63 6.62 13.88 4.97
CA ALA A 63 6.02 14.77 5.96
C ALA A 63 5.53 16.06 5.31
N MET A 64 6.32 16.63 4.40
CA MET A 64 5.87 17.81 3.68
C MET A 64 4.62 17.51 2.85
N ASN A 65 4.49 16.29 2.35
CA ASN A 65 3.26 15.91 1.66
C ASN A 65 2.08 15.91 2.62
N TYR A 66 2.28 15.39 3.84
CA TYR A 66 1.22 15.44 4.84
C TYR A 66 0.89 16.86 5.23
N LEU A 67 1.91 17.73 5.30
CA LEU A 67 1.70 19.10 5.75
C LEU A 67 0.91 19.90 4.74
N ASP A 68 1.31 19.83 3.46
CA ASP A 68 0.62 20.58 2.42
C ASP A 68 -0.80 20.07 2.22
N ARG A 69 -1.05 18.79 2.50
CA ARG A 69 -2.39 18.24 2.36
C ARG A 69 -3.30 18.64 3.51
N PHE A 70 -2.77 18.76 4.73
CA PHE A 70 -3.58 19.25 5.83
C PHE A 70 -3.87 20.74 5.68
N LEU A 71 -2.89 21.52 5.20
CA LEU A 71 -3.12 22.93 4.98
C LEU A 71 -4.07 23.19 3.82
N SER A 72 -4.31 22.19 2.97
CA SER A 72 -5.31 22.29 1.91
C SER A 72 -6.72 22.01 2.42
N LEU A 73 -6.87 21.57 3.66
CA LEU A 73 -8.16 21.20 4.22
C LEU A 73 -8.58 22.06 5.40
N GLU A 74 -7.64 22.46 6.25
CA GLU A 74 -7.97 23.18 7.48
C GLU A 74 -7.10 24.42 7.63
N PRO A 75 -7.69 25.55 8.03
CA PRO A 75 -6.88 26.71 8.40
C PRO A 75 -6.12 26.45 9.69
N VAL A 76 -4.81 26.70 9.67
CA VAL A 76 -3.93 26.42 10.79
C VAL A 76 -3.39 27.74 11.32
N LYS A 77 -3.43 27.91 12.64
CA LYS A 77 -2.90 29.12 13.25
C LYS A 77 -1.38 29.16 13.14
N LYS A 78 -0.84 30.39 13.20
CA LYS A 78 0.60 30.56 13.13
C LYS A 78 1.31 29.81 14.25
N SER A 79 0.77 29.87 15.46
CA SER A 79 1.39 29.25 16.62
C SER A 79 1.31 27.72 16.59
N ARG A 80 0.50 27.14 15.72
CA ARG A 80 0.33 25.70 15.65
C ARG A 80 0.91 25.10 14.38
N LEU A 81 1.58 25.90 13.56
CA LEU A 81 2.20 25.37 12.35
C LEU A 81 3.36 24.42 12.70
N GLN A 82 4.13 24.74 13.75
CA GLN A 82 5.20 23.86 14.16
C GLN A 82 4.67 22.55 14.72
N LEU A 83 3.52 22.60 15.43
CA LEU A 83 2.91 21.38 15.91
C LEU A 83 2.46 20.49 14.75
N LEU A 84 1.87 21.10 13.71
CA LEU A 84 1.51 20.34 12.52
C LEU A 84 2.74 19.72 11.87
N GLY A 85 3.84 20.47 11.85
CA GLY A 85 5.06 19.95 11.22
C GLY A 85 5.68 18.83 12.02
N ALA A 86 5.71 18.95 13.34
CA ALA A 86 6.24 17.88 14.18
C ALA A 86 5.36 16.63 14.08
N THR A 87 4.06 16.80 13.88
CA THR A 87 3.16 15.66 13.76
C THR A 87 3.34 14.95 12.42
N CYS A 88 3.57 15.72 11.35
CA CYS A 88 3.75 15.11 10.03
C CYS A 88 5.01 14.26 9.99
N MET A 89 6.06 14.68 10.69
CA MET A 89 7.25 13.85 10.80
C MET A 89 6.99 12.63 11.67
N PHE A 90 6.12 12.76 12.67
CA PHE A 90 5.82 11.65 13.56
C PHE A 90 5.11 10.52 12.81
N VAL A 91 4.22 10.86 11.88
CA VAL A 91 3.51 9.83 11.13
C VAL A 91 4.38 9.28 10.00
N ALA A 92 5.11 10.16 9.31
CA ALA A 92 5.96 9.71 8.21
C ALA A 92 7.05 8.77 8.70
N SER A 93 7.61 9.06 9.88
CA SER A 93 8.63 8.19 10.45
C SER A 93 8.06 6.80 10.74
N LYS A 94 6.78 6.71 11.13
CA LYS A 94 6.16 5.42 11.35
C LYS A 94 5.96 4.66 10.05
N MET A 95 5.80 5.38 8.94
CA MET A 95 5.52 4.76 7.65
C MET A 95 6.77 4.33 6.91
N LYS A 96 7.95 4.86 7.27
CA LYS A 96 9.15 4.65 6.48
C LYS A 96 10.38 4.20 7.29
N GLU A 97 10.31 4.18 8.61
CA GLU A 97 11.46 3.85 9.44
C GLU A 97 11.19 2.64 10.30
N THR A 98 12.25 1.86 10.56
CA THR A 98 12.13 0.69 11.41
C THR A 98 11.81 1.08 12.85
N ILE A 99 12.69 1.88 13.45
CA ILE A 99 12.42 2.45 14.77
C ILE A 99 12.11 3.94 14.59
N PRO A 100 10.84 4.32 14.58
CA PRO A 100 10.48 5.70 14.27
C PRO A 100 10.93 6.66 15.35
N LEU A 101 10.82 7.95 15.04
CA LEU A 101 11.14 8.99 16.00
C LEU A 101 10.14 8.95 17.15
N THR A 102 10.66 9.14 18.37
CA THR A 102 9.79 9.19 19.54
C THR A 102 9.09 10.53 19.63
N ALA A 103 7.88 10.51 20.20
CA ALA A 103 7.12 11.74 20.39
C ALA A 103 7.87 12.73 21.28
N GLU A 104 8.66 12.21 22.23
CA GLU A 104 9.37 13.08 23.15
C GLU A 104 10.54 13.78 22.49
N LYS A 105 11.19 13.11 21.52
CA LYS A 105 12.31 13.74 20.82
C LYS A 105 11.84 14.86 19.91
N LEU A 106 10.70 14.69 19.26
CA LEU A 106 10.16 15.75 18.40
C LEU A 106 9.74 16.97 19.22
N CYS A 107 9.23 16.76 20.43
CA CYS A 107 8.89 17.88 21.28
C CYS A 107 10.15 18.63 21.73
N ILE A 108 11.24 17.90 21.98
CA ILE A 108 12.51 18.53 22.30
C ILE A 108 12.98 19.39 21.15
N TYR A 109 12.80 18.91 19.91
CA TYR A 109 13.24 19.67 18.75
C TYR A 109 12.42 20.93 18.53
N THR A 110 11.27 21.06 19.19
CA THR A 110 10.51 22.30 19.20
C THR A 110 10.92 23.22 20.35
N ASP A 111 12.08 22.97 20.95
CA ASP A 111 12.49 23.65 22.18
C ASP A 111 11.45 23.47 23.28
N ASN A 112 10.81 22.30 23.30
CA ASN A 112 9.74 21.98 24.24
C ASN A 112 8.60 22.99 24.17
N SER A 113 8.25 23.38 22.94
CA SER A 113 7.09 24.25 22.74
C SER A 113 5.79 23.46 22.73
N ILE A 114 5.82 22.22 22.29
CA ILE A 114 4.65 21.35 22.26
C ILE A 114 4.86 20.23 23.26
N ARG A 115 3.75 19.64 23.70
CA ARG A 115 3.77 18.57 24.68
C ARG A 115 3.50 17.22 24.01
N PRO A 116 3.97 16.12 24.60
CA PRO A 116 3.81 14.81 23.94
C PRO A 116 2.38 14.44 23.62
N GLU A 117 1.45 14.57 24.57
CA GLU A 117 0.07 14.20 24.29
C GLU A 117 -0.56 15.14 23.27
N GLU A 118 -0.17 16.41 23.26
CA GLU A 118 -0.65 17.32 22.22
C GLU A 118 -0.22 16.85 20.83
N LEU A 119 0.95 16.21 20.73
CA LEU A 119 1.36 15.63 19.46
C LEU A 119 0.57 14.36 19.16
N LEU A 120 0.29 13.56 20.18
CA LEU A 120 -0.49 12.33 19.95
C LEU A 120 -1.92 12.66 19.56
N GLN A 121 -2.50 13.69 20.16
CA GLN A 121 -3.84 14.12 19.76
C GLN A 121 -3.83 14.73 18.37
N MET A 122 -2.77 15.45 18.02
CA MET A 122 -2.65 15.98 16.67
C MET A 122 -2.42 14.86 15.66
N GLU A 123 -1.84 13.74 16.09
CA GLU A 123 -1.68 12.60 15.20
C GLU A 123 -3.05 12.06 14.77
N LEU A 124 -3.95 11.87 15.74
CA LEU A 124 -5.28 11.39 15.42
C LEU A 124 -6.03 12.37 14.53
N LEU A 125 -5.81 13.67 14.73
CA LEU A 125 -6.47 14.66 13.88
C LEU A 125 -5.91 14.64 12.46
N LEU A 126 -4.59 14.57 12.33
CA LEU A 126 -3.97 14.58 11.01
C LEU A 126 -4.33 13.34 10.21
N VAL A 127 -4.30 12.17 10.86
CA VAL A 127 -4.55 10.92 10.14
C VAL A 127 -6.03 10.82 9.75
N ASN A 128 -6.92 11.29 10.61
CA ASN A 128 -8.34 11.26 10.29
C ASN A 128 -8.69 12.28 9.21
N LYS A 129 -8.07 13.46 9.27
CA LYS A 129 -8.31 14.47 8.24
C LYS A 129 -7.85 13.98 6.87
N LEU A 130 -6.73 13.27 6.83
CA LEU A 130 -6.25 12.65 5.60
C LEU A 130 -6.98 11.35 5.30
N LYS A 131 -7.92 10.94 6.13
CA LYS A 131 -8.68 9.70 5.96
C LYS A 131 -7.74 8.50 5.77
N TRP A 132 -6.67 8.49 6.55
CA TRP A 132 -5.70 7.39 6.60
C TRP A 132 -5.02 7.14 5.27
N ASN A 133 -5.03 8.14 4.38
CA ASN A 133 -4.32 8.03 3.09
C ASN A 133 -2.87 8.46 3.30
N LEU A 134 -2.13 7.59 3.99
CA LEU A 134 -0.75 7.86 4.35
C LEU A 134 0.26 7.23 3.41
N ALA A 135 -0.15 6.25 2.61
CA ALA A 135 0.77 5.56 1.70
C ALA A 135 0.86 6.31 0.37
N ALA A 136 1.25 7.58 0.47
CA ALA A 136 1.39 8.41 -0.71
C ALA A 136 2.61 8.00 -1.53
N MET A 137 2.54 8.28 -2.83
CA MET A 137 3.66 8.01 -3.71
C MET A 137 4.77 9.04 -3.46
N THR A 138 5.96 8.56 -3.21
CA THR A 138 7.07 9.46 -2.96
C THR A 138 7.94 9.59 -4.20
N PRO A 139 8.63 10.73 -4.36
CA PRO A 139 9.61 10.84 -5.46
C PRO A 139 10.66 9.75 -5.41
N HIS A 140 11.02 9.27 -4.21
CA HIS A 140 11.96 8.17 -4.11
C HIS A 140 11.45 6.92 -4.83
N ASP A 141 10.13 6.70 -4.81
CA ASP A 141 9.57 5.56 -5.53
C ASP A 141 9.89 5.64 -7.01
N PHE A 142 9.72 6.82 -7.60
CA PHE A 142 9.98 6.96 -9.03
C PHE A 142 11.47 6.97 -9.33
N ILE A 143 12.29 7.46 -8.40
CA ILE A 143 13.74 7.48 -8.61
C ILE A 143 14.28 6.06 -8.70
N GLU A 144 13.83 5.17 -7.81
CA GLU A 144 14.29 3.79 -7.85
C GLU A 144 13.78 3.08 -9.11
N HIS A 145 12.59 3.45 -9.60
CA HIS A 145 12.09 2.84 -10.82
C HIS A 145 12.86 3.34 -12.04
N PHE A 146 13.25 4.62 -12.04
CA PHE A 146 14.02 5.15 -13.16
C PHE A 146 15.41 4.53 -13.21
N LEU A 147 16.07 4.42 -12.06
CA LEU A 147 17.42 3.86 -12.03
C LEU A 147 17.43 2.39 -12.43
N SER A 148 16.32 1.67 -12.22
CA SER A 148 16.24 0.29 -12.65
C SER A 148 16.13 0.13 -14.15
N LYS A 149 15.87 1.23 -14.88
CA LYS A 149 15.81 1.21 -16.33
C LYS A 149 17.03 1.84 -16.97
N MET A 150 17.99 2.33 -16.18
CA MET A 150 19.18 2.99 -16.71
C MET A 150 20.36 2.03 -16.68
N PRO A 151 21.05 1.83 -17.80
CA PRO A 151 22.19 0.89 -17.84
C PRO A 151 23.49 1.54 -17.36
N GLU A 152 23.55 1.81 -16.06
CA GLU A 152 24.70 2.46 -15.46
C GLU A 152 25.30 1.57 -14.38
N ALA A 153 26.58 1.81 -14.09
CA ALA A 153 27.25 1.08 -13.02
C ALA A 153 26.64 1.42 -11.68
N GLU A 154 26.66 0.44 -10.76
CA GLU A 154 26.07 0.64 -9.45
C GLU A 154 26.75 1.77 -8.69
N GLU A 155 28.05 1.95 -8.90
CA GLU A 155 28.76 3.05 -8.27
C GLU A 155 28.28 4.40 -8.82
N ASN A 156 27.97 4.44 -10.12
CA ASN A 156 27.43 5.66 -10.70
C ASN A 156 25.98 5.89 -10.28
N LYS A 157 25.25 4.81 -10.02
CA LYS A 157 23.85 4.94 -9.60
C LYS A 157 23.73 5.50 -8.20
N GLN A 158 24.69 5.19 -7.32
CA GLN A 158 24.62 5.68 -5.95
C GLN A 158 24.83 7.18 -5.88
N ILE A 159 25.69 7.72 -6.74
CA ILE A 159 25.88 9.18 -6.76
C ILE A 159 24.64 9.86 -7.32
N ILE A 160 24.07 9.31 -8.40
CA ILE A 160 22.84 9.86 -8.96
C ILE A 160 21.72 9.79 -7.93
N ARG A 161 21.59 8.65 -7.25
CA ARG A 161 20.54 8.49 -6.26
C ARG A 161 20.70 9.50 -5.12
N LYS A 162 21.93 9.73 -4.67
CA LYS A 162 22.15 10.64 -3.55
C LYS A 162 21.98 12.09 -3.98
N HIS A 163 22.46 12.45 -5.17
CA HIS A 163 22.30 13.82 -5.64
C HIS A 163 20.84 14.15 -5.89
N ALA A 164 20.07 13.20 -6.43
CA ALA A 164 18.65 13.43 -6.67
C ALA A 164 17.88 13.53 -5.36
N GLN A 165 18.24 12.72 -4.37
CA GLN A 165 17.59 12.80 -3.06
C GLN A 165 17.83 14.16 -2.41
N THR A 166 19.01 14.75 -2.65
CA THR A 166 19.24 16.12 -2.19
C THR A 166 18.35 17.10 -2.93
N PHE A 167 18.21 16.93 -4.25
CA PHE A 167 17.34 17.80 -5.03
C PHE A 167 15.89 17.65 -4.61
N VAL A 168 15.45 16.42 -4.31
CA VAL A 168 14.08 16.20 -3.88
C VAL A 168 13.80 16.92 -2.57
N ALA A 169 14.76 16.88 -1.63
CA ALA A 169 14.57 17.55 -0.35
C ALA A 169 14.47 19.07 -0.54
N LEU A 170 15.31 19.63 -1.40
CA LEU A 170 15.28 21.07 -1.65
C LEU A 170 13.96 21.48 -2.30
N CYS A 171 13.36 20.60 -3.11
CA CYS A 171 12.07 20.91 -3.71
C CYS A 171 10.96 20.94 -2.67
N ALA A 172 11.05 20.11 -1.64
CA ALA A 172 10.00 20.06 -0.62
C ALA A 172 9.97 21.33 0.22
N THR A 173 11.10 22.01 0.36
CA THR A 173 11.14 23.27 1.10
C THR A 173 10.63 24.45 0.29
N ASP A 174 10.48 24.29 -1.02
CA ASP A 174 10.09 25.39 -1.89
C ASP A 174 8.62 25.26 -2.28
N VAL A 175 7.94 26.40 -2.35
CA VAL A 175 6.51 26.41 -2.59
C VAL A 175 6.19 26.14 -4.06
N LYS A 176 7.06 26.57 -4.97
CA LYS A 176 6.92 26.39 -6.42
C LYS A 176 6.81 24.95 -6.85
N PHE A 177 6.93 23.95 -5.97
CA PHE A 177 6.92 22.55 -6.35
C PHE A 177 5.76 21.78 -5.72
N ILE A 178 4.82 22.47 -5.07
CA ILE A 178 3.64 21.79 -4.55
C ILE A 178 2.75 21.29 -5.68
N SER A 179 2.69 22.04 -6.78
CA SER A 179 1.89 21.63 -7.92
C SER A 179 2.51 20.49 -8.72
N ASN A 180 3.78 20.22 -8.52
CA ASN A 180 4.45 19.16 -9.29
C ASN A 180 4.17 17.81 -8.66
N PRO A 181 3.75 16.82 -9.43
CA PRO A 181 3.55 15.47 -8.89
C PRO A 181 4.89 14.83 -8.56
N PRO A 182 4.90 13.79 -7.73
CA PRO A 182 6.18 13.16 -7.36
C PRO A 182 6.95 12.60 -8.56
N SER A 183 6.25 12.19 -9.62
CA SER A 183 6.96 11.71 -10.81
C SER A 183 7.76 12.84 -11.46
N MET A 184 7.16 14.02 -11.56
CA MET A 184 7.87 15.16 -12.15
C MET A 184 9.05 15.57 -11.29
N VAL A 185 8.88 15.60 -9.97
CA VAL A 185 9.97 15.98 -9.08
C VAL A 185 11.11 14.97 -9.17
N ALA A 186 10.77 13.68 -9.25
CA ALA A 186 11.81 12.65 -9.31
C ALA A 186 12.53 12.67 -10.65
N ALA A 187 11.78 12.86 -11.75
CA ALA A 187 12.41 12.87 -13.07
C ALA A 187 13.37 14.04 -13.22
N GLY A 188 12.92 15.24 -12.83
CA GLY A 188 13.80 16.40 -12.89
C GLY A 188 15.00 16.27 -11.98
N SER A 189 14.83 15.64 -10.82
CA SER A 189 15.95 15.44 -9.91
C SER A 189 16.98 14.48 -10.50
N VAL A 190 16.54 13.52 -11.31
CA VAL A 190 17.47 12.55 -11.88
C VAL A 190 18.31 13.18 -12.98
N VAL A 191 17.65 13.89 -13.91
CA VAL A 191 18.38 14.49 -15.01
C VAL A 191 19.27 15.63 -14.52
N ALA A 192 18.88 16.30 -13.45
CA ALA A 192 19.75 17.31 -12.86
C ALA A 192 20.96 16.66 -12.20
N ALA A 193 20.76 15.52 -11.55
CA ALA A 193 21.85 14.81 -10.90
C ALA A 193 22.81 14.20 -11.90
N VAL A 194 22.30 13.77 -13.07
CA VAL A 194 23.16 13.16 -14.08
C VAL A 194 24.13 14.20 -14.64
N GLN A 195 23.75 15.48 -14.66
CA GLN A 195 24.67 16.52 -15.09
C GLN A 195 25.79 16.76 -14.09
N GLY A 196 25.72 16.14 -12.90
CA GLY A 196 26.87 16.05 -12.02
C GLY A 196 27.31 17.32 -11.34
N LEU A 197 26.37 18.22 -11.05
CA LEU A 197 26.65 19.47 -10.32
C LEU A 197 27.72 20.30 -10.99
N ASN A 198 27.90 20.13 -12.31
CA ASN A 198 28.86 20.88 -13.12
C ASN A 198 30.30 20.72 -12.63
N LEU A 199 30.58 19.65 -11.88
CA LEU A 199 31.94 19.34 -11.46
C LEU A 199 32.69 18.50 -12.49
N ARG A 200 32.00 17.98 -13.49
CA ARG A 200 32.58 17.02 -14.42
C ARG A 200 31.65 16.89 -15.62
N SER A 201 32.24 16.69 -16.79
CA SER A 201 31.46 16.45 -18.00
C SER A 201 30.87 15.04 -17.96
N PRO A 202 29.55 14.88 -17.94
CA PRO A 202 28.96 13.57 -17.66
C PRO A 202 29.38 12.50 -18.65
N ASN A 203 29.79 11.35 -18.12
CA ASN A 203 30.20 10.19 -18.92
C ASN A 203 29.28 9.04 -18.51
N ASN A 204 28.07 9.03 -19.07
CA ASN A 204 27.06 8.03 -18.77
C ASN A 204 26.88 7.10 -19.95
N PHE A 205 26.64 5.82 -19.66
CA PHE A 205 26.44 4.83 -20.72
C PHE A 205 25.17 5.12 -21.51
N LEU A 206 24.17 5.73 -20.89
CA LEU A 206 22.97 6.20 -21.56
C LEU A 206 23.04 7.72 -21.65
N SER A 207 23.02 8.26 -22.86
CA SER A 207 23.19 9.69 -23.07
C SER A 207 22.06 10.47 -22.39
N TYR A 208 22.38 11.72 -22.05
CA TYR A 208 21.39 12.59 -21.41
C TYR A 208 20.22 12.89 -22.36
N TYR A 209 20.49 12.99 -23.66
CA TYR A 209 19.41 13.21 -24.61
C TYR A 209 18.43 12.04 -24.61
N ARG A 210 18.95 10.82 -24.61
CA ARG A 210 18.07 9.64 -24.55
C ARG A 210 17.42 9.50 -23.19
N LEU A 211 18.09 9.95 -22.12
CA LEU A 211 17.52 9.83 -20.78
C LEU A 211 16.33 10.76 -20.60
N THR A 212 16.49 12.03 -20.99
CA THR A 212 15.40 13.00 -20.82
C THR A 212 14.20 12.63 -21.67
N ARG A 213 14.44 12.17 -22.90
CA ARG A 213 13.32 11.82 -23.77
C ARG A 213 12.66 10.52 -23.31
N PHE A 214 13.42 9.59 -22.76
CA PHE A 214 12.81 8.41 -22.15
C PHE A 214 11.96 8.79 -20.95
N LEU A 215 12.51 9.59 -20.04
CA LEU A 215 11.76 9.99 -18.85
C LEU A 215 10.54 10.82 -19.21
N SER A 216 10.61 11.59 -20.30
CA SER A 216 9.49 12.44 -20.67
C SER A 216 8.31 11.63 -21.18
N ARG A 217 8.56 10.48 -21.81
CA ARG A 217 7.50 9.68 -22.40
C ARG A 217 6.91 8.65 -21.44
N VAL A 218 7.58 8.36 -20.33
CA VAL A 218 6.99 7.46 -19.34
C VAL A 218 6.19 8.23 -18.29
N ILE A 219 6.59 9.47 -17.97
CA ILE A 219 5.82 10.31 -17.07
C ILE A 219 4.84 11.21 -17.81
N LYS A 220 4.81 11.12 -19.16
CA LYS A 220 3.81 11.79 -19.99
C LYS A 220 3.89 13.31 -19.86
N CYS A 221 4.95 13.86 -20.47
CA CYS A 221 5.15 15.29 -20.53
C CYS A 221 6.08 15.61 -21.69
N ASP A 222 6.01 16.86 -22.14
CA ASP A 222 6.88 17.30 -23.22
C ASP A 222 8.31 17.46 -22.68
N PRO A 223 9.32 17.11 -23.48
CA PRO A 223 10.71 17.27 -23.01
C PRO A 223 11.05 18.68 -22.55
N ASP A 224 10.48 19.71 -23.18
CA ASP A 224 10.74 21.07 -22.74
C ASP A 224 10.15 21.34 -21.35
N CYS A 225 9.06 20.65 -20.99
CA CYS A 225 8.52 20.78 -19.65
C CYS A 225 9.45 20.15 -18.62
N LEU A 226 10.11 19.05 -18.98
CA LEU A 226 11.07 18.43 -18.07
C LEU A 226 12.32 19.29 -17.92
N ARG A 227 12.73 19.95 -19.00
CA ARG A 227 13.89 20.83 -18.92
C ARG A 227 13.63 22.02 -18.02
N ALA A 228 12.41 22.58 -18.07
CA ALA A 228 12.08 23.69 -17.20
C ALA A 228 12.03 23.27 -15.74
N CYS A 229 11.63 22.03 -15.48
CA CYS A 229 11.66 21.53 -14.10
C CYS A 229 13.10 21.33 -13.63
N GLN A 230 13.97 20.84 -14.52
CA GLN A 230 15.38 20.72 -14.17
C GLN A 230 16.02 22.08 -13.91
N GLU A 231 15.63 23.09 -14.70
CA GLU A 231 16.16 24.43 -14.49
C GLU A 231 15.70 25.00 -13.16
N GLN A 232 14.45 24.77 -12.78
CA GLN A 232 13.95 25.25 -11.50
C GLN A 232 14.64 24.56 -10.33
N ILE A 233 15.03 23.29 -10.51
CA ILE A 233 15.72 22.58 -9.45
C ILE A 233 17.15 23.10 -9.29
N GLU A 234 17.85 23.29 -10.40
CA GLU A 234 19.20 23.81 -10.33
C GLU A 234 19.23 25.27 -9.90
N ALA A 235 18.15 26.01 -10.17
CA ALA A 235 18.02 27.35 -9.60
C ALA A 235 17.80 27.30 -8.10
N LEU A 236 17.08 26.28 -7.62
CA LEU A 236 16.94 26.08 -6.18
C LEU A 236 18.28 25.75 -5.54
N LEU A 237 19.12 24.99 -6.24
CA LEU A 237 20.44 24.66 -5.71
C LEU A 237 21.30 25.90 -5.57
N GLU A 238 21.21 26.82 -6.53
CA GLU A 238 21.98 28.05 -6.46
C GLU A 238 21.51 28.93 -5.31
N SER A 239 20.19 29.03 -5.11
CA SER A 239 19.67 29.87 -4.03
C SER A 239 19.93 29.24 -2.67
N SER A 240 19.87 27.91 -2.57
CA SER A 240 20.14 27.25 -1.30
C SER A 240 21.58 27.50 -0.85
N LEU A 241 22.53 27.36 -1.78
CA LEU A 241 23.94 27.59 -1.45
C LEU A 241 24.22 29.05 -1.11
N ARG A 242 23.38 29.98 -1.59
CA ARG A 242 23.61 31.39 -1.29
C ARG A 242 23.40 31.71 0.18
N GLN A 243 22.51 30.97 0.85
CA GLN A 243 22.21 31.20 2.26
C GLN A 243 23.31 30.58 3.10
N ALA A 244 24.37 31.36 3.34
CA ALA A 244 25.49 30.92 4.16
C ALA A 244 26.22 32.11 4.74
N GLY B 20 -14.50 -6.45 17.79
CA GLY B 20 -15.81 -6.28 18.38
C GLY B 20 -16.88 -7.17 17.75
N THR B 21 -18.10 -6.66 17.69
CA THR B 21 -19.22 -7.37 17.10
C THR B 21 -19.52 -6.83 15.71
N VAL B 22 -19.70 -7.73 14.75
CA VAL B 22 -19.84 -7.34 13.35
C VAL B 22 -21.26 -6.84 13.09
N TYR B 23 -21.37 -5.73 12.37
CA TYR B 23 -22.64 -5.15 11.96
C TYR B 23 -22.78 -5.26 10.44
N LYS B 24 -23.93 -4.80 9.95
CA LYS B 24 -24.31 -5.01 8.56
C LYS B 24 -25.45 -4.07 8.20
N ALA B 25 -25.44 -3.55 6.98
CA ALA B 25 -26.48 -2.62 6.55
C ALA B 25 -26.66 -2.66 5.04
N ARG B 26 -27.86 -2.27 4.61
CA ARG B 26 -28.20 -2.15 3.21
C ARG B 26 -28.90 -0.81 2.99
N ASP B 27 -28.77 -0.29 1.78
CA ASP B 27 -29.35 1.00 1.43
C ASP B 27 -30.88 0.96 1.52
N GLY B 31 -28.04 0.80 -4.40
CA GLY B 31 -28.70 0.46 -3.16
C GLY B 31 -28.18 -0.83 -2.56
N HIS B 32 -26.95 -0.78 -2.03
CA HIS B 32 -26.18 -2.00 -1.82
C HIS B 32 -26.03 -2.45 -0.37
N PHE B 33 -24.82 -2.86 0.00
CA PHE B 33 -24.55 -3.61 1.22
C PHE B 33 -23.22 -3.14 1.81
N VAL B 34 -23.14 -3.11 3.14
CA VAL B 34 -21.97 -2.61 3.84
C VAL B 34 -21.75 -3.43 5.11
N ALA B 35 -20.49 -3.80 5.36
CA ALA B 35 -20.10 -4.56 6.55
C ALA B 35 -19.29 -3.67 7.50
N LEU B 36 -19.10 -4.18 8.72
CA LEU B 36 -18.42 -3.46 9.77
C LEU B 36 -17.24 -4.25 10.31
N LYS B 37 -16.35 -3.55 11.00
CA LYS B 37 -15.15 -4.14 11.57
C LYS B 37 -14.54 -3.19 12.60
N SER B 38 -14.44 -3.61 13.86
CA SER B 38 -13.88 -2.79 14.92
C SER B 38 -12.64 -3.47 15.48
N VAL B 39 -11.56 -2.70 15.59
CA VAL B 39 -10.29 -3.19 16.13
C VAL B 39 -9.82 -2.20 17.19
N ARG B 40 -9.58 -2.69 18.40
CA ARG B 40 -8.99 -1.90 19.46
C ARG B 40 -7.48 -2.12 19.47
N VAL B 41 -6.71 -1.04 19.41
CA VAL B 41 -5.26 -1.14 19.34
C VAL B 41 -4.67 -0.62 20.65
N PRO B 42 -3.45 -1.06 21.03
CA PRO B 42 -2.90 -0.74 22.36
C PRO B 42 -2.96 0.72 22.79
N ASN B 43 -2.23 1.61 22.10
CA ASN B 43 -2.25 3.06 22.35
C ASN B 43 -1.55 3.43 23.64
N GLY B 44 -0.89 4.59 23.63
CA GLY B 44 -0.29 5.16 24.81
C GLY B 44 1.14 5.58 24.60
N GLU B 45 1.99 4.58 24.28
CA GLU B 45 3.44 4.79 24.19
C GLU B 45 3.79 5.96 23.26
N GLU B 46 3.45 5.83 21.98
CA GLU B 46 3.83 6.82 20.98
C GLU B 46 2.70 6.93 19.95
N GLY B 47 1.49 7.18 20.41
CA GLY B 47 0.36 7.28 19.51
C GLY B 47 -0.03 5.92 18.93
N LEU B 48 -0.44 5.95 17.66
CA LEU B 48 -0.92 4.74 17.00
C LEU B 48 0.24 3.79 16.74
N PRO B 49 -0.01 2.48 16.80
CA PRO B 49 1.05 1.51 16.52
C PRO B 49 1.54 1.60 15.08
N ILE B 50 2.77 1.14 14.87
CA ILE B 50 3.35 1.14 13.53
C ILE B 50 2.54 0.24 12.60
N SER B 51 2.17 -0.95 13.07
CA SER B 51 1.41 -1.88 12.24
C SER B 51 0.03 -1.33 11.91
N THR B 52 -0.55 -0.52 12.79
CA THR B 52 -1.90 -0.01 12.55
C THR B 52 -1.90 1.03 11.43
N VAL B 53 -0.97 1.99 11.48
CA VAL B 53 -0.99 3.07 10.50
C VAL B 53 -0.57 2.57 9.12
N ARG B 54 0.25 1.51 9.06
CA ARG B 54 0.77 1.06 7.78
C ARG B 54 -0.21 0.15 7.05
N GLU B 55 -0.86 -0.77 7.76
CA GLU B 55 -1.77 -1.70 7.11
C GLU B 55 -3.04 -1.00 6.67
N VAL B 56 -3.53 -0.04 7.47
CA VAL B 56 -4.75 0.69 7.09
C VAL B 56 -4.47 1.63 5.94
N ALA B 57 -3.28 2.24 5.92
CA ALA B 57 -2.93 3.11 4.80
C ALA B 57 -2.78 2.33 3.50
N LEU B 58 -2.23 1.12 3.58
CA LEU B 58 -2.12 0.29 2.38
C LEU B 58 -3.49 -0.15 1.89
N LEU B 59 -4.41 -0.44 2.82
CA LEU B 59 -5.78 -0.72 2.43
C LEU B 59 -6.42 0.51 1.79
N ARG B 60 -6.09 1.70 2.31
CA ARG B 60 -6.56 2.93 1.68
C ARG B 60 -5.95 3.14 0.31
N ARG B 61 -4.71 2.67 0.11
CA ARG B 61 -4.03 2.87 -1.16
C ARG B 61 -4.68 2.06 -2.28
N LEU B 62 -5.23 0.89 -1.96
CA LEU B 62 -5.81 0.02 -2.98
C LEU B 62 -7.10 0.60 -3.54
N GLU B 63 -7.88 1.30 -2.72
CA GLU B 63 -9.15 1.85 -3.19
C GLU B 63 -8.95 3.04 -4.12
N ALA B 64 -7.73 3.56 -4.24
CA ALA B 64 -7.46 4.59 -5.24
C ALA B 64 -7.59 4.04 -6.65
N PHE B 65 -7.32 2.75 -6.83
CA PHE B 65 -7.44 2.10 -8.14
C PHE B 65 -8.85 1.63 -8.43
N GLU B 66 -9.65 1.36 -7.40
CA GLU B 66 -11.02 0.86 -7.54
C GLU B 66 -11.05 -0.41 -8.38
N HIS B 67 -10.61 -1.49 -7.76
CA HIS B 67 -10.59 -2.76 -8.48
C HIS B 67 -11.90 -3.50 -8.28
N PRO B 68 -12.52 -4.01 -9.35
CA PRO B 68 -13.82 -4.68 -9.20
C PRO B 68 -13.73 -6.07 -8.59
N ASN B 69 -12.53 -6.66 -8.48
CA ASN B 69 -12.36 -7.99 -7.93
C ASN B 69 -11.74 -7.98 -6.53
N VAL B 70 -11.88 -6.87 -5.81
CA VAL B 70 -11.37 -6.74 -4.45
C VAL B 70 -12.41 -5.99 -3.64
N VAL B 71 -12.64 -6.45 -2.40
CA VAL B 71 -13.62 -5.82 -1.53
C VAL B 71 -13.27 -4.35 -1.33
N ARG B 72 -14.29 -3.49 -1.39
CA ARG B 72 -14.10 -2.06 -1.34
C ARG B 72 -14.18 -1.57 0.11
N LEU B 73 -13.08 -1.03 0.62
CA LEU B 73 -13.06 -0.38 1.92
C LEU B 73 -13.66 1.02 1.78
N MET B 74 -14.69 1.31 2.56
CA MET B 74 -15.44 2.55 2.37
C MET B 74 -14.91 3.68 3.26
N ASP B 75 -14.69 3.44 4.54
CA ASP B 75 -14.23 4.49 5.43
C ASP B 75 -13.40 3.89 6.55
N VAL B 76 -12.69 4.78 7.26
CA VAL B 76 -11.87 4.44 8.42
C VAL B 76 -12.14 5.48 9.49
N CYS B 77 -12.57 5.05 10.67
CA CYS B 77 -12.97 5.96 11.74
C CYS B 77 -12.27 5.57 13.03
N ALA B 78 -11.37 6.44 13.51
CA ALA B 78 -10.71 6.27 14.80
C ALA B 78 -11.43 7.09 15.86
N THR B 79 -11.49 6.56 17.07
CA THR B 79 -12.23 7.19 18.16
C THR B 79 -11.49 6.98 19.47
N SER B 80 -11.02 8.07 20.07
CA SER B 80 -10.30 8.02 21.33
C SER B 80 -11.24 8.08 22.52
N ARG B 84 -5.49 6.75 27.15
CA ARG B 84 -6.80 6.23 27.51
C ARG B 84 -7.15 5.00 26.68
N GLU B 85 -7.93 5.21 25.62
CA GLU B 85 -8.35 4.12 24.74
C GLU B 85 -8.57 4.67 23.34
N ILE B 86 -8.28 3.85 22.34
CA ILE B 86 -8.55 4.18 20.94
C ILE B 86 -9.14 2.95 20.28
N LYS B 87 -10.09 3.17 19.36
CA LYS B 87 -10.72 2.08 18.63
C LYS B 87 -11.02 2.58 17.23
N VAL B 88 -10.29 2.05 16.24
CA VAL B 88 -10.48 2.42 14.84
C VAL B 88 -11.35 1.36 14.19
N THR B 89 -12.42 1.79 13.54
CA THR B 89 -13.41 0.90 12.95
C THR B 89 -13.34 0.98 11.43
N LEU B 90 -13.15 -0.16 10.79
CA LEU B 90 -13.08 -0.24 9.34
C LEU B 90 -14.45 -0.59 8.77
N VAL B 91 -14.90 0.20 7.79
CA VAL B 91 -16.18 -0.02 7.12
C VAL B 91 -15.88 -0.59 5.74
N PHE B 92 -16.25 -1.85 5.54
CA PHE B 92 -16.01 -2.55 4.29
C PHE B 92 -17.32 -2.71 3.51
N GLU B 93 -17.18 -3.05 2.24
CA GLU B 93 -18.32 -3.48 1.43
C GLU B 93 -18.59 -4.95 1.69
N HIS B 94 -19.86 -5.30 1.80
CA HIS B 94 -20.24 -6.67 2.15
C HIS B 94 -20.96 -7.36 1.01
N VAL B 95 -20.72 -8.65 0.88
CA VAL B 95 -21.54 -9.55 0.09
C VAL B 95 -21.85 -10.77 0.95
N ASP B 96 -22.97 -11.42 0.67
CA ASP B 96 -23.41 -12.55 1.49
C ASP B 96 -22.80 -13.87 1.01
N GLN B 97 -22.82 -14.10 -0.31
CA GLN B 97 -22.40 -15.39 -0.85
C GLN B 97 -20.88 -15.45 -0.96
N ASP B 98 -20.30 -16.51 -0.42
CA ASP B 98 -18.91 -16.83 -0.65
C ASP B 98 -18.82 -17.85 -1.78
N LEU B 99 -17.62 -18.40 -2.00
CA LEU B 99 -17.44 -19.33 -3.11
C LEU B 99 -18.07 -20.69 -2.80
N ARG B 100 -17.95 -21.16 -1.56
CA ARG B 100 -18.47 -22.48 -1.23
C ARG B 100 -20.00 -22.51 -1.32
N THR B 101 -20.66 -21.43 -0.91
CA THR B 101 -22.10 -21.34 -1.12
C THR B 101 -22.43 -21.31 -2.60
N TYR B 102 -21.62 -20.59 -3.39
CA TYR B 102 -21.79 -20.60 -4.84
C TYR B 102 -21.58 -22.00 -5.42
N LEU B 103 -20.60 -22.74 -4.88
CA LEU B 103 -20.33 -24.08 -5.38
C LEU B 103 -21.41 -25.07 -4.94
N ASP B 104 -21.93 -24.90 -3.72
CA ASP B 104 -22.99 -25.78 -3.25
C ASP B 104 -24.31 -25.50 -3.98
N LYS B 105 -24.52 -24.26 -4.40
CA LYS B 105 -25.71 -23.85 -5.15
C LYS B 105 -25.60 -24.17 -6.64
N ALA B 106 -24.51 -24.78 -7.08
CA ALA B 106 -24.29 -25.05 -8.49
C ALA B 106 -25.28 -26.10 -9.00
N PRO B 107 -25.50 -26.15 -10.32
CA PRO B 107 -26.36 -27.19 -10.87
C PRO B 107 -25.82 -28.57 -10.52
N PRO B 108 -26.68 -29.58 -10.49
CA PRO B 108 -26.26 -30.92 -10.08
C PRO B 108 -25.10 -31.46 -10.92
N PRO B 109 -25.10 -31.28 -12.25
CA PRO B 109 -23.91 -31.70 -13.01
C PRO B 109 -22.67 -30.89 -12.68
N GLY B 110 -22.82 -29.69 -12.14
CA GLY B 110 -21.71 -28.82 -11.83
C GLY B 110 -21.81 -27.50 -12.58
N LEU B 111 -20.76 -26.70 -12.42
CA LEU B 111 -20.73 -25.43 -13.12
C LEU B 111 -20.30 -25.65 -14.58
N PRO B 112 -20.86 -24.89 -15.51
CA PRO B 112 -20.40 -24.97 -16.90
C PRO B 112 -18.95 -24.53 -17.01
N ALA B 113 -18.28 -25.05 -18.03
CA ALA B 113 -16.86 -24.72 -18.23
C ALA B 113 -16.68 -23.21 -18.38
N GLU B 114 -17.46 -22.59 -19.26
CA GLU B 114 -17.31 -21.15 -19.50
C GLU B 114 -17.57 -20.34 -18.23
N THR B 115 -18.47 -20.80 -17.37
CA THR B 115 -18.69 -20.11 -16.09
C THR B 115 -17.47 -20.23 -15.19
N ILE B 116 -16.83 -21.40 -15.16
CA ILE B 116 -15.64 -21.58 -14.34
C ILE B 116 -14.49 -20.73 -14.88
N LYS B 117 -14.32 -20.67 -16.21
CA LYS B 117 -13.28 -19.82 -16.78
C LYS B 117 -13.52 -18.35 -16.50
N ASP B 118 -14.78 -17.94 -16.39
CA ASP B 118 -15.07 -16.54 -16.06
C ASP B 118 -14.71 -16.23 -14.61
N LEU B 119 -14.97 -17.16 -13.70
CA LEU B 119 -14.60 -16.95 -12.30
C LEU B 119 -13.10 -17.02 -12.12
N MET B 120 -12.43 -17.92 -12.84
CA MET B 120 -10.97 -18.01 -12.76
C MET B 120 -10.30 -16.74 -13.27
N ARG B 121 -10.90 -16.08 -14.26
CA ARG B 121 -10.34 -14.83 -14.76
C ARG B 121 -10.44 -13.73 -13.71
N GLN B 122 -11.62 -13.59 -13.09
CA GLN B 122 -11.79 -12.59 -12.04
C GLN B 122 -10.91 -12.91 -10.83
N PHE B 123 -10.77 -14.20 -10.51
CA PHE B 123 -9.89 -14.61 -9.42
C PHE B 123 -8.46 -14.15 -9.66
N LEU B 124 -7.94 -14.42 -10.86
CA LEU B 124 -6.56 -14.07 -11.16
C LEU B 124 -6.38 -12.57 -11.37
N ARG B 125 -7.43 -11.87 -11.83
CA ARG B 125 -7.34 -10.43 -11.98
C ARG B 125 -7.18 -9.75 -10.61
N GLY B 126 -8.03 -10.11 -9.65
CA GLY B 126 -7.92 -9.53 -8.32
C GLY B 126 -6.68 -9.97 -7.58
N LEU B 127 -6.21 -11.19 -7.82
CA LEU B 127 -4.99 -11.66 -7.17
C LEU B 127 -3.77 -10.95 -7.73
N ASP B 128 -3.71 -10.77 -9.05
CA ASP B 128 -2.60 -10.02 -9.63
C ASP B 128 -2.62 -8.56 -9.18
N PHE B 129 -3.80 -8.03 -8.87
CA PHE B 129 -3.89 -6.68 -8.35
C PHE B 129 -3.25 -6.57 -6.97
N LEU B 130 -3.50 -7.56 -6.10
CA LEU B 130 -2.87 -7.56 -4.79
C LEU B 130 -1.37 -7.81 -4.90
N HIS B 131 -0.96 -8.77 -5.75
CA HIS B 131 0.45 -9.07 -5.90
C HIS B 131 1.21 -7.88 -6.47
N ALA B 132 0.57 -7.12 -7.36
CA ALA B 132 1.21 -5.92 -7.89
C ALA B 132 1.42 -4.86 -6.82
N ASN B 133 0.62 -4.87 -5.75
CA ASN B 133 0.77 -3.96 -4.63
C ASN B 133 1.46 -4.62 -3.45
N CYS B 134 2.29 -5.63 -3.72
CA CYS B 134 3.11 -6.28 -2.69
C CYS B 134 2.27 -6.85 -1.56
N ILE B 135 1.13 -7.44 -1.91
CA ILE B 135 0.24 -8.06 -0.93
C ILE B 135 0.10 -9.54 -1.28
N VAL B 136 0.51 -10.41 -0.36
CA VAL B 136 0.30 -11.84 -0.45
C VAL B 136 -0.93 -12.18 0.37
N HIS B 137 -1.85 -12.96 -0.20
CA HIS B 137 -3.05 -13.31 0.54
C HIS B 137 -2.72 -14.27 1.68
N ARG B 138 -1.82 -15.23 1.43
CA ARG B 138 -1.30 -16.14 2.44
C ARG B 138 -2.34 -17.12 2.98
N ASP B 139 -3.63 -16.86 2.72
CA ASP B 139 -4.70 -17.70 3.27
C ASP B 139 -5.90 -17.61 2.32
N LEU B 140 -5.79 -18.28 1.17
CA LEU B 140 -6.83 -18.28 0.16
C LEU B 140 -7.62 -19.58 0.25
N LYS B 141 -8.94 -19.45 0.45
CA LYS B 141 -9.83 -20.60 0.54
C LYS B 141 -11.20 -20.16 0.04
N PRO B 142 -12.05 -21.10 -0.38
CA PRO B 142 -13.39 -20.71 -0.88
C PRO B 142 -14.20 -19.89 0.11
N GLU B 143 -13.93 -20.01 1.42
CA GLU B 143 -14.60 -19.16 2.39
C GLU B 143 -14.13 -17.71 2.34
N ASN B 144 -13.00 -17.44 1.68
CA ASN B 144 -12.47 -16.10 1.52
C ASN B 144 -12.86 -15.45 0.20
N ILE B 145 -12.94 -16.23 -0.88
CA ILE B 145 -13.40 -15.70 -2.16
C ILE B 145 -14.91 -15.50 -2.09
N LEU B 146 -15.36 -14.28 -2.36
CA LEU B 146 -16.75 -13.90 -2.22
C LEU B 146 -17.32 -13.52 -3.59
N VAL B 147 -18.51 -14.03 -3.89
CA VAL B 147 -19.16 -13.84 -5.19
C VAL B 147 -20.42 -13.04 -4.98
N THR B 148 -20.63 -12.02 -5.82
CA THR B 148 -21.84 -11.22 -5.75
C THR B 148 -23.01 -11.95 -6.40
N SER B 149 -24.20 -11.36 -6.27
CA SER B 149 -25.37 -11.91 -6.92
C SER B 149 -25.32 -11.76 -8.44
N GLY B 150 -24.51 -10.82 -8.93
CA GLY B 150 -24.32 -10.63 -10.34
C GLY B 150 -23.17 -11.40 -10.96
N GLY B 151 -22.52 -12.26 -10.18
CA GLY B 151 -21.44 -13.08 -10.69
C GLY B 151 -20.06 -12.44 -10.63
N THR B 152 -19.86 -11.44 -9.79
CA THR B 152 -18.58 -10.75 -9.67
C THR B 152 -17.81 -11.31 -8.49
N VAL B 153 -16.61 -11.82 -8.76
CA VAL B 153 -15.74 -12.35 -7.72
C VAL B 153 -15.03 -11.19 -7.01
N LYS B 154 -14.96 -11.26 -5.69
CA LYS B 154 -14.34 -10.21 -4.88
C LYS B 154 -13.52 -10.86 -3.78
N LEU B 155 -12.21 -10.66 -3.82
CA LEU B 155 -11.34 -11.18 -2.76
C LEU B 155 -11.50 -10.36 -1.49
N ALA B 156 -11.21 -10.99 -0.36
CA ALA B 156 -11.35 -10.33 0.93
C ALA B 156 -10.39 -10.97 1.93
N ASP B 157 -10.35 -10.39 3.12
CA ASP B 157 -9.55 -10.86 4.25
C ASP B 157 -8.07 -10.93 3.88
N PHE B 158 -7.49 -9.74 3.74
CA PHE B 158 -6.06 -9.61 3.45
C PHE B 158 -5.54 -8.32 4.08
N GLY B 159 -4.25 -8.31 4.40
CA GLY B 159 -3.62 -7.14 4.98
C GLY B 159 -4.14 -6.75 6.35
N LEU B 160 -4.41 -7.72 7.21
CA LEU B 160 -4.91 -7.45 8.54
C LEU B 160 -4.35 -8.43 9.57
N VAL B 175 -8.49 -26.17 11.79
CA VAL B 175 -7.69 -25.46 10.80
C VAL B 175 -7.66 -26.24 9.49
N THR B 176 -7.71 -25.51 8.37
CA THR B 176 -7.73 -26.11 7.04
C THR B 176 -6.36 -25.87 6.39
N LEU B 177 -5.60 -26.94 6.20
CA LEU B 177 -4.29 -26.90 5.58
C LEU B 177 -4.35 -27.25 4.10
N TRP B 178 -5.54 -27.38 3.54
CA TRP B 178 -5.72 -28.00 2.23
C TRP B 178 -5.32 -27.09 1.08
N TYR B 179 -5.23 -25.78 1.31
CA TYR B 179 -4.91 -24.83 0.27
C TYR B 179 -3.54 -24.18 0.47
N ARG B 180 -2.81 -24.55 1.51
CA ARG B 180 -1.50 -23.97 1.76
C ARG B 180 -0.46 -24.57 0.81
N ALA B 181 0.42 -23.71 0.30
CA ALA B 181 1.47 -24.14 -0.60
C ALA B 181 2.48 -25.03 0.13
N PRO B 182 3.17 -25.89 -0.61
CA PRO B 182 4.18 -26.75 0.05
C PRO B 182 5.29 -25.97 0.74
N GLU B 183 5.66 -24.80 0.21
CA GLU B 183 6.64 -23.98 0.90
C GLU B 183 6.11 -23.42 2.22
N VAL B 184 4.79 -23.35 2.37
CA VAL B 184 4.21 -22.90 3.63
C VAL B 184 4.10 -24.07 4.61
N LEU B 185 3.68 -25.24 4.12
CA LEU B 185 3.58 -26.41 4.99
C LEU B 185 4.95 -26.86 5.48
N LEU B 186 6.00 -26.62 4.70
CA LEU B 186 7.36 -26.89 5.14
C LEU B 186 7.93 -25.76 5.98
N GLN B 187 7.18 -24.68 6.17
CA GLN B 187 7.63 -23.51 6.94
C GLN B 187 8.92 -22.93 6.37
N SER B 188 9.02 -22.93 5.05
CA SER B 188 10.18 -22.37 4.35
C SER B 188 9.90 -20.92 3.99
N THR B 189 10.78 -20.33 3.17
CA THR B 189 10.59 -18.96 2.72
C THR B 189 9.43 -18.91 1.73
N TYR B 190 8.43 -18.11 2.03
CA TYR B 190 7.21 -18.03 1.23
C TYR B 190 7.01 -16.62 0.71
N ALA B 191 6.50 -16.50 -0.51
CA ALA B 191 6.23 -15.21 -1.14
C ALA B 191 4.85 -15.20 -1.77
N THR B 192 4.69 -14.49 -2.89
CA THR B 192 3.40 -14.42 -3.56
C THR B 192 3.01 -15.72 -4.28
N PRO B 193 3.93 -16.56 -4.75
CA PRO B 193 3.51 -17.84 -5.35
C PRO B 193 2.73 -18.75 -4.42
N VAL B 194 2.65 -18.45 -3.12
CA VAL B 194 1.84 -19.28 -2.24
C VAL B 194 0.36 -19.12 -2.54
N ASP B 195 -0.04 -18.00 -3.14
CA ASP B 195 -1.43 -17.82 -3.54
C ASP B 195 -1.75 -18.57 -4.83
N MET B 196 -0.76 -18.71 -5.72
CA MET B 196 -1.00 -19.42 -6.97
C MET B 196 -1.19 -20.92 -6.73
N TRP B 197 -0.56 -21.47 -5.70
CA TRP B 197 -0.87 -22.85 -5.33
C TRP B 197 -2.30 -22.98 -4.84
N SER B 198 -2.75 -22.01 -4.04
CA SER B 198 -4.13 -22.02 -3.58
C SER B 198 -5.11 -21.86 -4.73
N VAL B 199 -4.72 -21.13 -5.78
CA VAL B 199 -5.58 -20.98 -6.95
C VAL B 199 -5.79 -22.31 -7.64
N GLY B 200 -4.71 -23.10 -7.76
CA GLY B 200 -4.84 -24.41 -8.39
C GLY B 200 -5.73 -25.36 -7.63
N CYS B 201 -5.61 -25.37 -6.29
CA CYS B 201 -6.47 -26.21 -5.47
C CYS B 201 -7.94 -25.85 -5.66
N ILE B 202 -8.24 -24.55 -5.76
CA ILE B 202 -9.61 -24.12 -5.98
C ILE B 202 -10.02 -24.30 -7.44
N PHE B 203 -9.08 -24.14 -8.37
CA PHE B 203 -9.35 -24.40 -9.77
C PHE B 203 -9.84 -25.84 -9.96
N ALA B 204 -9.15 -26.80 -9.34
CA ALA B 204 -9.59 -28.19 -9.43
C ALA B 204 -10.85 -28.43 -8.62
N GLU B 205 -11.09 -27.62 -7.59
CA GLU B 205 -12.26 -27.83 -6.73
C GLU B 205 -13.56 -27.42 -7.41
N MET B 206 -13.50 -26.42 -8.29
CA MET B 206 -14.72 -25.99 -8.99
C MET B 206 -15.21 -27.08 -9.94
N PHE B 207 -14.30 -27.87 -10.50
CA PHE B 207 -14.69 -28.98 -11.36
C PHE B 207 -15.04 -30.22 -10.55
N ARG B 208 -14.64 -30.26 -9.29
CA ARG B 208 -14.86 -31.41 -8.43
C ARG B 208 -15.95 -31.19 -7.40
N ARG B 209 -16.08 -29.97 -6.87
CA ARG B 209 -16.88 -29.66 -5.69
C ARG B 209 -16.46 -30.50 -4.49
N LYS B 210 -15.21 -30.98 -4.51
CA LYS B 210 -14.59 -31.70 -3.42
C LYS B 210 -13.14 -31.24 -3.42
N PRO B 211 -12.58 -30.92 -2.25
CA PRO B 211 -11.20 -30.41 -2.21
C PRO B 211 -10.21 -31.41 -2.78
N LEU B 212 -9.11 -30.89 -3.33
CA LEU B 212 -8.15 -31.72 -4.02
C LEU B 212 -7.35 -32.58 -3.04
N PHE B 213 -6.65 -31.94 -2.10
CA PHE B 213 -5.87 -32.63 -1.08
C PHE B 213 -6.43 -32.31 0.28
N CYS B 214 -6.78 -33.34 1.05
CA CYS B 214 -7.25 -33.20 2.43
C CYS B 214 -6.36 -34.04 3.32
N GLY B 215 -5.64 -33.39 4.24
CA GLY B 215 -4.68 -34.07 5.08
C GLY B 215 -4.87 -33.72 6.54
N ASN B 216 -4.19 -34.49 7.40
CA ASN B 216 -4.23 -34.30 8.83
C ASN B 216 -3.37 -33.12 9.24
N SER B 217 -2.06 -33.33 9.35
CA SER B 217 -1.11 -32.30 9.71
C SER B 217 -0.41 -31.78 8.45
N GLU B 218 0.61 -30.93 8.65
CA GLU B 218 1.41 -30.48 7.51
C GLU B 218 2.19 -31.63 6.89
N ALA B 219 2.63 -32.58 7.71
CA ALA B 219 3.33 -33.75 7.18
C ALA B 219 2.41 -34.60 6.32
N ASP B 220 1.15 -34.76 6.75
CA ASP B 220 0.20 -35.55 5.99
C ASP B 220 -0.28 -34.81 4.75
N GLN B 221 -0.47 -33.49 4.86
CA GLN B 221 -0.90 -32.72 3.70
C GLN B 221 0.14 -32.76 2.58
N LEU B 222 1.42 -32.61 2.93
CA LEU B 222 2.47 -32.73 1.93
C LEU B 222 2.49 -34.11 1.31
N GLY B 223 2.23 -35.15 2.12
CA GLY B 223 2.04 -36.47 1.55
C GLY B 223 0.83 -36.54 0.65
N LYS B 224 -0.23 -35.82 1.03
CA LYS B 224 -1.41 -35.69 0.17
C LYS B 224 -1.16 -34.78 -1.03
N ILE B 225 -0.03 -34.09 -1.07
CA ILE B 225 0.28 -33.30 -2.26
C ILE B 225 1.06 -34.15 -3.27
N PHE B 226 1.90 -35.07 -2.79
CA PHE B 226 2.72 -35.90 -3.66
C PHE B 226 1.96 -37.09 -4.27
N ASP B 227 0.64 -37.15 -4.12
CA ASP B 227 -0.12 -38.15 -4.88
C ASP B 227 -0.04 -37.86 -6.38
N LEU B 228 -0.02 -36.58 -6.74
CA LEU B 228 -0.25 -36.13 -8.10
C LEU B 228 1.01 -35.65 -8.81
N ILE B 229 1.77 -34.75 -8.18
CA ILE B 229 2.97 -34.20 -8.81
C ILE B 229 4.20 -35.04 -8.52
N GLY B 230 4.04 -36.17 -7.84
CA GLY B 230 5.17 -37.00 -7.49
C GLY B 230 6.02 -36.36 -6.40
N LEU B 231 7.16 -37.00 -6.14
CA LEU B 231 8.10 -36.50 -5.16
C LEU B 231 9.18 -35.71 -5.88
N PRO B 232 9.36 -34.43 -5.57
CA PRO B 232 10.33 -33.60 -6.30
C PRO B 232 11.76 -34.06 -6.03
N PRO B 233 12.70 -33.71 -6.92
CA PRO B 233 14.09 -34.14 -6.73
C PRO B 233 14.78 -33.43 -5.57
N GLU B 234 16.11 -33.42 -5.59
CA GLU B 234 16.89 -32.96 -4.45
C GLU B 234 16.95 -31.44 -4.37
N ASP B 235 17.52 -30.79 -5.38
CA ASP B 235 17.77 -29.36 -5.30
C ASP B 235 16.52 -28.52 -5.50
N ASP B 236 15.43 -29.11 -5.99
CA ASP B 236 14.15 -28.39 -5.96
C ASP B 236 13.59 -28.30 -4.55
N TRP B 237 14.12 -29.09 -3.63
CA TRP B 237 13.77 -29.00 -2.22
C TRP B 237 14.63 -27.92 -1.54
N PRO B 238 14.03 -27.00 -0.80
CA PRO B 238 14.82 -26.03 -0.04
C PRO B 238 15.30 -26.66 1.28
N ARG B 239 16.23 -25.97 1.92
CA ARG B 239 16.62 -26.31 3.28
C ARG B 239 16.23 -25.16 4.21
N ASP B 240 16.63 -25.28 5.48
CA ASP B 240 16.01 -24.54 6.57
C ASP B 240 14.52 -24.80 6.62
N VAL B 241 14.13 -26.02 6.24
CA VAL B 241 12.74 -26.46 6.24
C VAL B 241 12.44 -27.16 7.56
N SER B 242 11.22 -27.66 7.70
CA SER B 242 10.85 -28.44 8.88
C SER B 242 10.96 -29.93 8.66
N LEU B 243 10.74 -30.40 7.45
CA LEU B 243 10.74 -31.83 7.14
C LEU B 243 11.78 -32.13 6.07
N PRO B 244 12.73 -33.02 6.32
CA PRO B 244 13.69 -33.39 5.26
C PRO B 244 13.00 -34.13 4.13
N ARG B 245 13.73 -34.30 3.03
CA ARG B 245 13.16 -34.99 1.88
C ARG B 245 12.95 -36.48 2.16
N GLY B 246 13.81 -37.08 3.00
CA GLY B 246 13.72 -38.50 3.28
C GLY B 246 12.49 -38.89 4.06
N ALA B 247 11.66 -37.91 4.42
CA ALA B 247 10.44 -38.16 5.16
C ALA B 247 9.30 -38.65 4.28
N PHE B 248 9.53 -38.84 2.97
CA PHE B 248 8.48 -39.22 2.05
C PHE B 248 8.98 -40.31 1.11
N PRO B 249 8.14 -41.30 0.79
CA PRO B 249 8.60 -42.39 -0.06
C PRO B 249 8.79 -41.92 -1.49
N PRO B 250 9.66 -42.58 -2.25
CA PRO B 250 9.84 -42.19 -3.66
C PRO B 250 8.57 -42.43 -4.45
N ARG B 251 8.03 -41.35 -5.03
CA ARG B 251 6.77 -41.40 -5.75
C ARG B 251 6.96 -40.82 -7.15
N GLY B 252 6.01 -41.16 -8.03
CA GLY B 252 6.02 -40.66 -9.38
C GLY B 252 4.78 -39.82 -9.67
N PRO B 253 4.93 -38.85 -10.58
CA PRO B 253 3.78 -38.00 -10.92
C PRO B 253 2.71 -38.79 -11.66
N ARG B 254 1.47 -38.66 -11.18
CA ARG B 254 0.32 -39.30 -11.81
C ARG B 254 -0.31 -38.38 -12.84
N PRO B 255 -1.04 -38.93 -13.80
CA PRO B 255 -1.75 -38.08 -14.78
C PRO B 255 -2.71 -37.13 -14.08
N VAL B 256 -2.92 -35.97 -14.70
CA VAL B 256 -3.66 -34.90 -14.04
C VAL B 256 -5.16 -35.10 -14.16
N GLN B 257 -5.63 -35.61 -15.30
CA GLN B 257 -7.06 -35.84 -15.49
C GLN B 257 -7.56 -37.06 -14.72
N SER B 258 -6.73 -37.64 -13.85
CA SER B 258 -7.20 -38.63 -12.89
C SER B 258 -7.86 -37.98 -11.68
N VAL B 259 -7.54 -36.71 -11.42
CA VAL B 259 -8.15 -35.99 -10.31
C VAL B 259 -9.19 -34.97 -10.81
N VAL B 260 -9.07 -34.49 -12.04
CA VAL B 260 -10.05 -33.57 -12.62
C VAL B 260 -10.29 -33.95 -14.07
N PRO B 261 -10.98 -35.06 -14.32
CA PRO B 261 -11.20 -35.49 -15.71
C PRO B 261 -12.16 -34.59 -16.47
N GLU B 262 -13.15 -34.00 -15.80
CA GLU B 262 -14.11 -33.15 -16.48
C GLU B 262 -13.50 -31.88 -17.04
N MET B 263 -12.21 -31.64 -16.80
CA MET B 263 -11.48 -30.55 -17.41
C MET B 263 -10.92 -30.97 -18.77
N GLU B 264 -10.50 -29.98 -19.55
CA GLU B 264 -9.86 -30.25 -20.83
C GLU B 264 -8.35 -30.40 -20.63
N GLU B 265 -7.68 -30.83 -21.70
CA GLU B 265 -6.23 -31.08 -21.60
C GLU B 265 -5.46 -29.77 -21.44
N SER B 266 -5.88 -28.71 -22.14
CA SER B 266 -5.21 -27.42 -22.00
C SER B 266 -5.40 -26.86 -20.59
N GLY B 267 -6.57 -27.06 -19.99
CA GLY B 267 -6.75 -26.67 -18.60
C GLY B 267 -5.95 -27.52 -17.63
N ALA B 268 -5.60 -28.74 -18.03
CA ALA B 268 -4.81 -29.60 -17.15
C ALA B 268 -3.38 -29.13 -17.04
N GLN B 269 -2.79 -28.66 -18.15
CA GLN B 269 -1.44 -28.13 -18.11
C GLN B 269 -1.39 -26.80 -17.37
N LEU B 270 -2.49 -26.03 -17.39
CA LEU B 270 -2.54 -24.82 -16.59
C LEU B 270 -2.63 -25.14 -15.10
N LEU B 271 -3.33 -26.23 -14.75
CA LEU B 271 -3.39 -26.65 -13.36
C LEU B 271 -2.02 -27.10 -12.86
N LEU B 272 -1.25 -27.78 -13.70
CA LEU B 272 0.09 -28.20 -13.30
C LEU B 272 0.99 -27.01 -13.04
N GLU B 273 0.91 -25.97 -13.88
CA GLU B 273 1.75 -24.80 -13.68
C GLU B 273 1.40 -24.07 -12.39
N MET B 274 0.14 -24.15 -11.95
CA MET B 274 -0.22 -23.61 -10.65
C MET B 274 0.18 -24.56 -9.53
N LEU B 275 0.07 -25.87 -9.77
CA LEU B 275 0.41 -26.88 -8.77
C LEU B 275 1.82 -27.42 -8.99
N THR B 276 2.78 -26.50 -9.14
CA THR B 276 4.19 -26.86 -9.24
C THR B 276 4.84 -26.70 -7.88
N PHE B 277 5.70 -27.66 -7.53
CA PHE B 277 6.32 -27.66 -6.21
C PHE B 277 7.23 -26.44 -6.02
N ASN B 278 8.19 -26.27 -6.91
CA ASN B 278 9.13 -25.16 -6.80
C ASN B 278 8.40 -23.83 -6.98
N PRO B 279 8.40 -22.96 -5.96
CA PRO B 279 7.64 -21.70 -6.09
C PRO B 279 8.20 -20.74 -7.12
N HIS B 280 9.44 -20.92 -7.57
CA HIS B 280 10.03 -20.04 -8.56
C HIS B 280 9.73 -20.48 -9.99
N LYS B 281 9.26 -21.72 -10.19
CA LYS B 281 8.74 -22.16 -11.48
C LYS B 281 7.21 -22.01 -11.55
N ARG B 282 6.54 -21.97 -10.40
CA ARG B 282 5.09 -21.79 -10.36
C ARG B 282 4.68 -20.63 -11.25
N ILE B 283 3.53 -20.80 -11.91
CA ILE B 283 3.04 -19.77 -12.80
C ILE B 283 2.52 -18.59 -11.99
N SER B 284 2.67 -17.39 -12.52
CA SER B 284 2.18 -16.20 -11.86
C SER B 284 0.72 -15.96 -12.22
N ALA B 285 0.10 -15.03 -11.49
CA ALA B 285 -1.29 -14.70 -11.76
C ALA B 285 -1.46 -14.05 -13.13
N PHE B 286 -0.56 -13.13 -13.49
CA PHE B 286 -0.65 -12.47 -14.78
C PHE B 286 -0.38 -13.45 -15.93
N ARG B 287 0.59 -14.35 -15.75
CA ARG B 287 0.88 -15.33 -16.80
C ARG B 287 -0.27 -16.30 -17.00
N ALA B 288 -1.00 -16.61 -15.93
CA ALA B 288 -2.15 -17.52 -16.05
C ALA B 288 -3.27 -16.87 -16.84
N LEU B 289 -3.42 -15.54 -16.76
CA LEU B 289 -4.44 -14.86 -17.53
C LEU B 289 -4.15 -14.90 -19.02
N GLN B 290 -2.87 -15.00 -19.40
CA GLN B 290 -2.48 -15.09 -20.79
C GLN B 290 -2.56 -16.51 -21.33
N HIS B 291 -2.88 -17.48 -20.49
CA HIS B 291 -3.02 -18.86 -20.94
C HIS B 291 -4.23 -18.99 -21.86
N SER B 292 -4.11 -19.87 -22.85
CA SER B 292 -5.14 -19.99 -23.87
C SER B 292 -6.42 -20.59 -23.30
N TYR B 293 -6.33 -21.39 -22.24
CA TYR B 293 -7.51 -22.04 -21.70
C TYR B 293 -8.50 -21.01 -21.15
N LEU B 294 -7.99 -19.95 -20.52
CA LEU B 294 -8.84 -18.91 -19.95
C LEU B 294 -9.07 -17.75 -20.92
N HIS B 295 -8.70 -17.91 -22.18
CA HIS B 295 -8.96 -16.89 -23.19
C HIS B 295 -10.42 -16.98 -23.61
N LYS B 296 -11.15 -15.88 -23.43
CA LYS B 296 -12.56 -15.86 -23.83
C LYS B 296 -12.67 -15.88 -25.34
N ASP B 297 -13.46 -16.82 -25.86
CA ASP B 297 -13.60 -16.97 -27.31
C ASP B 297 -14.39 -15.80 -27.90
N GLU B 298 -14.19 -15.58 -29.19
CA GLU B 298 -14.82 -14.47 -29.92
C GLU B 298 -14.47 -13.13 -29.27
N LYS C 4 21.11 21.40 24.15
CA LYS C 4 20.21 20.91 23.11
C LYS C 4 20.73 21.31 21.73
N PRO C 5 20.51 20.44 20.73
CA PRO C 5 21.05 20.67 19.39
C PRO C 5 20.58 21.96 18.73
N SER C 6 21.15 22.25 17.55
CA SER C 6 20.84 23.49 16.85
C SER C 6 19.41 23.50 16.33
N ALA C 7 18.90 22.35 15.88
CA ALA C 7 17.57 22.27 15.32
C ALA C 7 16.47 22.44 16.35
N CYS C 8 16.80 22.41 17.65
CA CYS C 8 15.82 22.60 18.70
C CYS C 8 15.54 24.09 18.85
N ARG C 9 14.44 24.54 18.25
CA ARG C 9 14.08 25.96 18.31
C ARG C 9 12.57 26.09 18.18
N ASN C 10 12.03 27.10 18.85
CA ASN C 10 10.64 27.49 18.67
C ASN C 10 10.55 28.45 17.48
N LEU C 11 9.57 28.22 16.62
CA LEU C 11 9.47 28.95 15.36
C LEU C 11 8.59 30.18 15.43
N PHE C 12 7.37 30.05 15.95
CA PHE C 12 6.38 31.13 15.87
C PHE C 12 5.76 31.40 17.24
N GLY C 13 6.61 31.70 18.22
CA GLY C 13 6.16 32.16 19.51
C GLY C 13 5.58 31.06 20.39
N PRO C 14 4.96 31.45 21.50
CA PRO C 14 4.46 30.47 22.46
C PRO C 14 3.11 29.90 22.03
N VAL C 15 2.70 28.86 22.75
CA VAL C 15 1.48 28.12 22.47
C VAL C 15 0.55 28.22 23.66
N ASP C 16 -0.70 28.59 23.41
CA ASP C 16 -1.74 28.55 24.44
C ASP C 16 -2.18 27.10 24.59
N HIS C 17 -1.60 26.41 25.56
CA HIS C 17 -1.82 24.96 25.68
C HIS C 17 -3.26 24.65 26.09
N GLU C 18 -3.83 25.45 26.99
CA GLU C 18 -5.20 25.20 27.42
C GLU C 18 -6.19 25.36 26.28
N GLU C 19 -5.97 26.37 25.43
CA GLU C 19 -6.85 26.56 24.28
C GLU C 19 -6.60 25.52 23.21
N LEU C 20 -5.39 24.96 23.15
CA LEU C 20 -5.07 23.97 22.14
C LEU C 20 -5.82 22.66 22.39
N THR C 21 -5.61 22.07 23.57
CA THR C 21 -6.35 20.84 23.91
C THR C 21 -7.84 21.08 23.91
N ARG C 22 -8.27 22.32 24.17
CA ARG C 22 -9.67 22.65 23.97
C ARG C 22 -10.04 22.62 22.49
N ASP C 23 -9.13 23.07 21.61
CA ASP C 23 -9.47 23.09 20.20
C ASP C 23 -9.43 21.68 19.59
N LEU C 24 -8.50 20.83 20.04
CA LEU C 24 -8.40 19.49 19.49
C LEU C 24 -9.49 18.56 20.01
N GLU C 25 -10.07 18.86 21.18
CA GLU C 25 -11.20 18.07 21.65
C GLU C 25 -12.49 18.43 20.92
N LYS C 26 -12.59 19.67 20.45
CA LYS C 26 -13.79 20.07 19.71
C LYS C 26 -13.79 19.52 18.29
N HIS C 27 -12.62 19.31 17.72
CA HIS C 27 -12.51 18.82 16.35
C HIS C 27 -12.31 17.30 16.25
N CYS C 28 -11.67 16.67 17.22
CA CYS C 28 -11.74 15.22 17.31
C CYS C 28 -13.19 14.78 17.50
N ARG C 29 -13.99 15.60 18.16
CA ARG C 29 -15.43 15.35 18.29
C ARG C 29 -16.18 15.71 17.02
N ASP C 30 -15.70 16.73 16.27
CA ASP C 30 -16.42 17.17 15.08
C ASP C 30 -16.39 16.11 13.99
N MET C 31 -15.19 15.62 13.65
CA MET C 31 -15.08 14.57 12.63
C MET C 31 -15.75 13.28 13.10
N GLU C 32 -15.66 12.97 14.39
CA GLU C 32 -16.27 11.76 14.90
C GLU C 32 -17.79 11.87 14.93
N GLU C 33 -18.32 13.08 15.12
CA GLU C 33 -19.77 13.28 15.07
C GLU C 33 -20.27 13.25 13.63
N ALA C 34 -19.49 13.83 12.71
CA ALA C 34 -19.88 13.78 11.30
C ALA C 34 -19.81 12.37 10.75
N SER C 35 -18.87 11.56 11.24
CA SER C 35 -18.81 10.16 10.85
C SER C 35 -19.98 9.38 11.44
N GLN C 36 -20.38 9.72 12.67
CA GLN C 36 -21.55 9.09 13.25
C GLN C 36 -22.84 9.52 12.56
N ARG C 37 -22.87 10.75 12.03
CA ARG C 37 -24.01 11.23 11.28
C ARG C 37 -23.99 10.76 9.83
N LYS C 38 -22.88 10.21 9.36
CA LYS C 38 -22.78 9.71 7.99
C LYS C 38 -23.22 8.25 7.87
N TRP C 39 -23.04 7.46 8.93
CA TRP C 39 -23.30 6.03 8.87
C TRP C 39 -24.38 5.56 9.84
N ASN C 40 -25.04 6.47 10.54
CA ASN C 40 -26.02 6.12 11.57
C ASN C 40 -25.41 5.18 12.60
N PHE C 41 -24.17 5.46 12.98
CA PHE C 41 -23.42 4.55 13.85
C PHE C 41 -22.44 5.35 14.68
N ASP C 42 -22.77 5.52 15.97
CA ASP C 42 -21.81 6.09 16.90
C ASP C 42 -20.73 5.05 17.21
N PHE C 43 -19.48 5.39 16.90
CA PHE C 43 -18.41 4.39 16.93
C PHE C 43 -17.88 4.14 18.34
N GLN C 44 -17.86 5.16 19.20
CA GLN C 44 -17.45 4.94 20.58
C GLN C 44 -18.52 4.20 21.36
N ASN C 45 -19.79 4.52 21.10
CA ASN C 45 -20.89 3.79 21.72
C ASN C 45 -21.11 2.44 21.07
N HIS C 46 -20.67 2.25 19.83
CA HIS C 46 -20.77 0.98 19.11
C HIS C 46 -22.21 0.48 19.08
N LYS C 47 -23.13 1.38 18.70
CA LYS C 47 -24.54 1.06 18.64
C LYS C 47 -25.14 1.71 17.39
N PRO C 48 -26.08 1.04 16.75
CA PRO C 48 -26.72 1.62 15.56
C PRO C 48 -27.62 2.79 15.91
N LEU C 49 -27.78 3.68 14.94
CA LEU C 49 -28.73 4.78 15.06
C LEU C 49 -29.77 4.65 13.95
N GLU C 50 -30.54 5.71 13.70
CA GLU C 50 -31.64 5.65 12.74
C GLU C 50 -31.38 6.58 11.57
N GLY C 51 -31.67 6.10 10.36
CA GLY C 51 -31.53 6.93 9.18
C GLY C 51 -31.46 6.18 7.87
N LYS C 52 -30.40 6.45 7.10
CA LYS C 52 -30.31 5.96 5.74
C LYS C 52 -30.06 4.45 5.69
N GLU C 53 -29.23 3.94 6.60
CA GLU C 53 -28.89 2.53 6.63
C GLU C 53 -29.74 1.80 7.67
N GLU C 54 -30.16 0.59 7.33
CA GLU C 54 -30.84 -0.31 8.25
C GLU C 54 -29.82 -1.28 8.81
N TRP C 55 -29.42 -1.07 10.06
CA TRP C 55 -28.27 -1.75 10.64
C TRP C 55 -28.68 -3.11 11.21
N GLN C 56 -27.93 -4.15 10.81
CA GLN C 56 -28.20 -5.53 11.18
C GLN C 56 -27.09 -6.06 12.07
N GLU C 57 -27.15 -7.37 12.33
CA GLU C 57 -26.08 -8.07 13.05
C GLU C 57 -26.18 -9.54 12.67
N VAL C 58 -25.09 -10.09 12.15
CA VAL C 58 -25.08 -11.48 11.70
C VAL C 58 -24.78 -12.41 12.88
#